data_4E9L
#
_entry.id   4E9L
#
_cell.length_a   44.630
_cell.length_b   150.930
_cell.length_c   47.380
_cell.angle_alpha   90.00
_cell.angle_beta   90.00
_cell.angle_gamma   90.00
#
_symmetry.space_group_name_H-M   'P 21 21 2'
#
loop_
_entity.id
_entity.type
_entity.pdbx_description
1 polymer 'Attaching and effacing protein, pathogenesis factor'
2 water water
#
_entity_poly.entity_id   1
_entity_poly.type   'polypeptide(L)'
_entity_poly.pdbx_seq_one_letter_code
;VADGQQAYTLTLTAVDSEGNPVTGEASRLRLVPQDTNGVTVGAISEIKPGVYSATVSSTRAGNVVVRAFSEQYQLGTLQQ
TLKFVAGPLDAAHSSITLNPDKPVVGGTVTAIWTAKDANDNPVTGLNPDAPSLSGAAAAGSTASGWTDNGDGTWTAQISL
GTTAGELDVMPKLNGQDAAANAAKVTVVADALSSNQSKVSVAEDHVKAGESTTVTLVAKDAHGNAISGLSLSASLTGTAS
EGATVSSWTEKGDGSYVATLTTGGKTGELRVMPLFNGQPAATEAAQLTVIAGEMSSANSTLVADNKTPTVKTTTELTFTM
KDAYGNPVTGLKPDAPVFSGAASTGSERPSAGNWTEKGNGVYVSTLTLGSAAGQLSVMPRVNGQNAVAQPLVLNVAGDAS
KAEIRDMTVKVNNQHHHHHH
;
_entity_poly.pdbx_strand_id   A
#
# COMPACT_ATOMS: atom_id res chain seq x y z
N PHE A 84 -28.28 -58.91 7.12
CA PHE A 84 -29.66 -58.45 7.20
C PHE A 84 -29.87 -57.10 6.49
N VAL A 85 -31.14 -56.78 6.17
CA VAL A 85 -31.54 -55.54 5.51
C VAL A 85 -31.62 -54.38 6.54
N ALA A 86 -30.93 -53.26 6.24
CA ALA A 86 -30.90 -52.07 7.11
C ALA A 86 -32.22 -51.30 7.00
N GLY A 87 -32.48 -50.43 7.99
CA GLY A 87 -33.66 -49.58 8.02
C GLY A 87 -33.53 -48.40 7.06
N PRO A 88 -34.50 -47.46 7.07
CA PRO A 88 -34.35 -46.30 6.16
C PRO A 88 -33.19 -45.38 6.55
N LEU A 89 -32.63 -44.66 5.56
CA LEU A 89 -31.53 -43.72 5.84
C LEU A 89 -31.98 -42.74 6.92
N ASP A 90 -31.10 -42.50 7.87
CA ASP A 90 -31.37 -41.54 8.91
C ASP A 90 -30.30 -40.45 8.82
N ALA A 91 -30.68 -39.21 8.45
CA ALA A 91 -29.70 -38.10 8.32
C ALA A 91 -28.89 -37.85 9.58
N ALA A 92 -29.53 -37.93 10.78
CA ALA A 92 -28.82 -37.70 12.06
C ALA A 92 -27.67 -38.71 12.32
N HIS A 93 -27.73 -39.91 11.72
CA HIS A 93 -26.65 -40.90 11.87
C HIS A 93 -25.68 -40.93 10.67
N SER A 94 -25.92 -40.10 9.68
CA SER A 94 -25.14 -40.07 8.44
C SER A 94 -24.23 -38.87 8.39
N SER A 95 -23.11 -39.00 7.67
CA SER A 95 -22.17 -37.88 7.59
C SER A 95 -21.54 -37.76 6.21
N ILE A 96 -20.86 -36.64 6.02
CA ILE A 96 -20.16 -36.38 4.76
C ILE A 96 -18.78 -35.77 5.04
N THR A 97 -17.78 -36.23 4.28
CA THR A 97 -16.40 -35.74 4.32
C THR A 97 -15.96 -35.31 2.92
N LEU A 98 -15.16 -34.25 2.84
CA LEU A 98 -14.50 -33.80 1.62
C LEU A 98 -13.01 -34.02 1.77
N ASN A 99 -12.39 -34.63 0.76
CA ASN A 99 -10.94 -34.92 0.80
C ASN A 99 -10.21 -34.49 -0.46
N PRO A 100 -9.09 -33.72 -0.36
CA PRO A 100 -8.50 -33.16 0.88
C PRO A 100 -9.15 -31.82 1.24
N ASP A 101 -8.77 -31.27 2.39
CA ASP A 101 -9.14 -29.92 2.74
C ASP A 101 -8.09 -29.06 1.96
N LYS A 102 -8.42 -27.80 1.69
CA LYS A 102 -7.55 -26.96 0.88
C LYS A 102 -7.24 -27.47 -0.56
N PRO A 103 -8.25 -27.98 -1.32
CA PRO A 103 -7.96 -28.30 -2.73
C PRO A 103 -7.77 -26.94 -3.44
N VAL A 104 -7.11 -26.95 -4.59
CA VAL A 104 -6.84 -25.72 -5.34
C VAL A 104 -7.91 -25.54 -6.39
N VAL A 105 -8.25 -24.28 -6.70
CA VAL A 105 -9.18 -23.93 -7.78
C VAL A 105 -8.73 -24.66 -9.06
N GLY A 106 -9.73 -25.15 -9.81
CA GLY A 106 -9.47 -25.87 -11.05
C GLY A 106 -9.05 -27.31 -10.83
N GLY A 107 -8.87 -27.70 -9.57
CA GLY A 107 -8.51 -29.07 -9.24
C GLY A 107 -9.72 -29.94 -9.00
N THR A 108 -9.55 -30.92 -8.14
CA THR A 108 -10.63 -31.83 -7.78
C THR A 108 -10.66 -32.09 -6.28
N VAL A 109 -11.83 -32.49 -5.76
CA VAL A 109 -12.02 -32.84 -4.35
C VAL A 109 -12.97 -34.04 -4.30
N THR A 110 -12.72 -34.99 -3.38
CA THR A 110 -13.57 -36.19 -3.32
C THR A 110 -14.59 -36.01 -2.20
N ALA A 111 -15.86 -36.35 -2.45
CA ALA A 111 -16.91 -36.32 -1.44
C ALA A 111 -17.15 -37.77 -1.02
N ILE A 112 -17.13 -38.02 0.29
CA ILE A 112 -17.35 -39.34 0.86
C ILE A 112 -18.52 -39.23 1.84
N TRP A 113 -19.64 -39.79 1.45
CA TRP A 113 -20.87 -39.77 2.24
C TRP A 113 -21.04 -41.14 2.89
N THR A 114 -21.19 -41.12 4.20
CA THR A 114 -21.40 -42.32 5.02
C THR A 114 -22.87 -42.34 5.36
N ALA A 115 -23.61 -43.28 4.78
CA ALA A 115 -25.06 -43.40 4.92
C ALA A 115 -25.41 -44.51 5.89
N LYS A 116 -26.16 -44.16 6.94
CA LYS A 116 -26.53 -45.12 7.98
C LYS A 116 -27.98 -44.98 8.37
N ASP A 117 -28.55 -46.04 8.95
CA ASP A 117 -29.91 -46.01 9.48
C ASP A 117 -29.81 -45.62 10.96
N ALA A 118 -30.93 -45.59 11.70
CA ALA A 118 -30.89 -45.21 13.11
C ALA A 118 -30.14 -46.19 14.04
N ASN A 119 -29.85 -47.44 13.58
CA ASN A 119 -29.07 -48.41 14.34
C ASN A 119 -27.59 -48.39 13.93
N ASP A 120 -27.17 -47.39 13.11
CA ASP A 120 -25.77 -47.23 12.65
C ASP A 120 -25.31 -48.32 11.68
N ASN A 121 -26.27 -49.03 11.08
CA ASN A 121 -26.03 -50.02 10.04
C ASN A 121 -25.76 -49.28 8.72
N PRO A 122 -24.84 -49.75 7.86
CA PRO A 122 -24.66 -49.10 6.55
C PRO A 122 -25.93 -49.17 5.67
N VAL A 123 -26.16 -48.14 4.86
CA VAL A 123 -27.31 -48.06 3.94
C VAL A 123 -26.79 -48.06 2.50
N THR A 124 -27.16 -49.11 1.71
CA THR A 124 -26.75 -49.26 0.31
C THR A 124 -28.02 -49.37 -0.56
N GLY A 125 -27.85 -49.26 -1.87
CA GLY A 125 -28.94 -49.41 -2.84
C GLY A 125 -29.94 -48.28 -2.96
N LEU A 126 -29.57 -47.08 -2.42
CA LEU A 126 -30.39 -45.87 -2.51
C LEU A 126 -30.26 -45.27 -3.93
N ASN A 127 -31.12 -44.30 -4.25
CA ASN A 127 -31.05 -43.54 -5.49
C ASN A 127 -30.85 -42.06 -5.09
N PRO A 128 -29.61 -41.66 -4.75
CA PRO A 128 -29.42 -40.28 -4.27
C PRO A 128 -29.52 -39.22 -5.37
N ASP A 129 -29.85 -37.99 -4.95
CA ASP A 129 -29.87 -36.84 -5.84
C ASP A 129 -28.42 -36.51 -6.14
N ALA A 130 -28.20 -35.58 -7.05
CA ALA A 130 -26.85 -35.07 -7.31
C ALA A 130 -26.36 -34.36 -6.02
N PRO A 131 -25.03 -34.37 -5.72
CA PRO A 131 -24.55 -33.64 -4.53
C PRO A 131 -24.95 -32.16 -4.57
N SER A 132 -25.33 -31.61 -3.41
CA SER A 132 -25.72 -30.22 -3.32
C SER A 132 -24.49 -29.36 -2.96
N LEU A 133 -24.09 -28.45 -3.89
CA LEU A 133 -22.91 -27.60 -3.73
C LEU A 133 -23.31 -26.17 -3.45
N SER A 134 -22.71 -25.58 -2.43
CA SER A 134 -22.93 -24.19 -2.06
C SER A 134 -21.63 -23.54 -1.61
N GLY A 135 -21.70 -22.23 -1.40
CA GLY A 135 -20.57 -21.39 -1.04
C GLY A 135 -19.98 -20.79 -2.31
N ALA A 136 -19.10 -19.79 -2.17
CA ALA A 136 -18.46 -19.10 -3.30
C ALA A 136 -17.82 -20.04 -4.33
N ALA A 137 -17.11 -21.09 -3.87
CA ALA A 137 -16.41 -22.04 -4.74
C ALA A 137 -17.33 -23.02 -5.49
N ALA A 138 -18.65 -23.07 -5.18
CA ALA A 138 -19.59 -23.95 -5.91
C ALA A 138 -19.77 -23.47 -7.36
N ALA A 139 -19.57 -22.16 -7.62
CA ALA A 139 -19.70 -21.52 -8.94
C ALA A 139 -18.75 -22.15 -9.96
N GLY A 140 -19.31 -22.80 -10.97
CA GLY A 140 -18.52 -23.45 -12.00
C GLY A 140 -18.00 -24.83 -11.63
N SER A 141 -18.30 -25.28 -10.40
CA SER A 141 -17.87 -26.60 -9.91
C SER A 141 -18.94 -27.63 -10.29
N THR A 142 -18.51 -28.84 -10.68
CA THR A 142 -19.45 -29.90 -11.08
C THR A 142 -19.14 -31.20 -10.34
N ALA A 143 -20.18 -31.97 -10.01
CA ALA A 143 -20.00 -33.25 -9.31
C ALA A 143 -20.38 -34.40 -10.23
N SER A 144 -19.65 -35.51 -10.11
CA SER A 144 -19.97 -36.73 -10.84
C SER A 144 -21.18 -37.33 -10.08
N GLY A 145 -21.70 -38.46 -10.57
CA GLY A 145 -22.70 -39.21 -9.85
C GLY A 145 -22.07 -39.88 -8.62
N TRP A 146 -22.90 -40.40 -7.72
CA TRP A 146 -22.45 -41.08 -6.51
C TRP A 146 -22.17 -42.54 -6.82
N THR A 147 -21.01 -43.08 -6.39
CA THR A 147 -20.71 -44.52 -6.56
C THR A 147 -21.06 -45.20 -5.24
N ASP A 148 -21.95 -46.21 -5.28
CA ASP A 148 -22.32 -46.99 -4.12
C ASP A 148 -21.16 -48.01 -3.90
N ASN A 149 -20.36 -47.84 -2.83
CA ASN A 149 -19.24 -48.74 -2.56
C ASN A 149 -19.63 -50.06 -1.92
N GLY A 150 -20.91 -50.21 -1.58
CA GLY A 150 -21.45 -51.42 -0.97
C GLY A 150 -21.16 -51.58 0.52
N ASP A 151 -20.59 -50.55 1.16
CA ASP A 151 -20.23 -50.61 2.58
C ASP A 151 -20.86 -49.45 3.40
N GLY A 152 -21.84 -48.77 2.82
CA GLY A 152 -22.46 -47.61 3.47
C GLY A 152 -21.77 -46.33 3.03
N THR A 153 -20.61 -46.45 2.36
CA THR A 153 -19.94 -45.26 1.83
C THR A 153 -20.33 -45.10 0.38
N TRP A 154 -20.51 -43.85 -0.01
CA TRP A 154 -20.89 -43.37 -1.33
C TRP A 154 -19.86 -42.31 -1.70
N THR A 155 -19.27 -42.41 -2.89
CA THR A 155 -18.22 -41.44 -3.25
C THR A 155 -18.58 -40.67 -4.53
N ALA A 156 -18.25 -39.36 -4.58
CA ALA A 156 -18.45 -38.54 -5.78
C ALA A 156 -17.23 -37.65 -5.98
N GLN A 157 -16.88 -37.38 -7.23
CA GLN A 157 -15.72 -36.53 -7.51
C GLN A 157 -16.22 -35.16 -7.92
N ILE A 158 -15.70 -34.12 -7.28
CA ILE A 158 -16.08 -32.74 -7.63
C ILE A 158 -14.97 -32.08 -8.48
N SER A 159 -15.29 -31.61 -9.69
CA SER A 159 -14.32 -30.87 -10.52
C SER A 159 -14.57 -29.41 -10.15
N LEU A 160 -13.57 -28.77 -9.56
CA LEU A 160 -13.71 -27.39 -9.08
C LEU A 160 -13.58 -26.37 -10.15
N GLY A 161 -14.36 -25.31 -10.03
CA GLY A 161 -14.28 -24.17 -10.92
C GLY A 161 -13.06 -23.34 -10.54
N THR A 162 -12.99 -22.13 -11.07
CA THR A 162 -11.85 -21.24 -10.86
C THR A 162 -12.05 -20.20 -9.76
N THR A 163 -13.16 -20.27 -9.00
CA THR A 163 -13.45 -19.32 -7.91
C THR A 163 -13.00 -19.89 -6.58
N ALA A 164 -12.15 -19.15 -5.84
CA ALA A 164 -11.67 -19.59 -4.53
C ALA A 164 -12.67 -19.25 -3.41
N GLY A 165 -12.57 -19.94 -2.29
CA GLY A 165 -13.47 -19.68 -1.17
C GLY A 165 -14.10 -20.93 -0.59
N GLU A 166 -15.16 -20.76 0.18
CA GLU A 166 -15.80 -21.89 0.82
C GLU A 166 -16.60 -22.75 -0.16
N LEU A 167 -16.52 -24.07 0.04
CA LEU A 167 -17.33 -25.03 -0.68
C LEU A 167 -18.03 -25.89 0.39
N ASP A 168 -19.36 -25.90 0.38
CA ASP A 168 -20.19 -26.67 1.30
C ASP A 168 -20.86 -27.75 0.48
N VAL A 169 -20.76 -29.01 0.91
CA VAL A 169 -21.36 -30.14 0.19
C VAL A 169 -22.28 -30.91 1.13
N MET A 170 -23.52 -31.11 0.69
CA MET A 170 -24.52 -31.87 1.44
C MET A 170 -25.16 -32.94 0.52
N PRO A 171 -25.16 -34.24 0.89
CA PRO A 171 -25.91 -35.21 0.07
C PRO A 171 -27.41 -35.01 0.35
N LYS A 172 -28.22 -35.32 -0.65
CA LYS A 172 -29.67 -35.17 -0.58
C LYS A 172 -30.39 -36.38 -1.16
N LEU A 173 -31.58 -36.66 -0.63
CA LEU A 173 -32.42 -37.75 -1.06
C LEU A 173 -33.79 -37.13 -1.19
N ASN A 174 -34.25 -36.96 -2.45
CA ASN A 174 -35.53 -36.34 -2.81
C ASN A 174 -35.63 -34.89 -2.28
N GLY A 175 -34.51 -34.16 -2.37
CA GLY A 175 -34.42 -32.78 -1.88
C GLY A 175 -34.17 -32.62 -0.38
N GLN A 176 -34.20 -33.73 0.40
CA GLN A 176 -33.98 -33.66 1.87
C GLN A 176 -32.51 -33.92 2.23
N ASP A 177 -31.96 -33.19 3.23
CA ASP A 177 -30.60 -33.42 3.72
C ASP A 177 -30.44 -34.90 4.10
N ALA A 178 -29.34 -35.50 3.63
CA ALA A 178 -29.05 -36.90 3.87
C ALA A 178 -27.81 -37.15 4.76
N ALA A 179 -27.36 -36.09 5.47
CA ALA A 179 -26.28 -36.14 6.45
C ALA A 179 -26.61 -35.13 7.55
N ALA A 180 -26.04 -35.31 8.75
CA ALA A 180 -26.32 -34.43 9.90
C ALA A 180 -25.86 -33.01 9.64
N ASN A 181 -24.70 -32.86 9.01
CA ASN A 181 -24.16 -31.53 8.67
C ASN A 181 -23.48 -31.58 7.31
N ALA A 182 -23.38 -30.42 6.62
CA ALA A 182 -22.69 -30.37 5.33
C ALA A 182 -21.19 -30.44 5.62
N ALA A 183 -20.40 -30.91 4.66
CA ALA A 183 -18.94 -30.94 4.77
C ALA A 183 -18.47 -29.59 4.23
N LYS A 184 -17.46 -28.99 4.87
CA LYS A 184 -16.99 -27.68 4.44
C LYS A 184 -15.47 -27.64 4.27
N VAL A 185 -15.02 -27.14 3.12
CA VAL A 185 -13.58 -26.92 2.83
C VAL A 185 -13.40 -25.52 2.30
N THR A 186 -12.13 -25.05 2.35
CA THR A 186 -11.72 -23.80 1.75
C THR A 186 -11.01 -24.21 0.48
N VAL A 187 -11.52 -23.74 -0.66
CA VAL A 187 -10.87 -24.01 -1.95
C VAL A 187 -9.90 -22.82 -2.09
N VAL A 188 -8.60 -23.12 -2.17
CA VAL A 188 -7.55 -22.10 -2.18
C VAL A 188 -7.23 -21.59 -3.59
N ALA A 189 -6.74 -20.37 -3.67
CA ALA A 189 -6.29 -19.76 -4.92
C ALA A 189 -5.06 -20.54 -5.47
N ASP A 190 -4.81 -20.45 -6.77
CA ASP A 190 -3.64 -21.10 -7.36
C ASP A 190 -2.35 -20.26 -7.05
N ALA A 191 -1.23 -20.60 -7.68
CA ALA A 191 0.04 -19.88 -7.44
C ALA A 191 -0.10 -18.38 -7.72
N LEU A 192 0.69 -17.56 -7.00
CA LEU A 192 0.67 -16.13 -7.21
C LEU A 192 1.01 -15.80 -8.67
N SER A 193 0.17 -15.01 -9.31
CA SER A 193 0.35 -14.51 -10.68
C SER A 193 0.88 -13.08 -10.62
N SER A 194 2.16 -12.85 -11.08
CA SER A 194 2.75 -11.51 -11.13
CA SER A 194 2.72 -11.50 -11.09
C SER A 194 1.94 -10.61 -12.06
N ASN A 195 1.35 -11.19 -13.12
CA ASN A 195 0.56 -10.43 -14.10
C ASN A 195 -0.75 -9.88 -13.55
N GLN A 196 -1.42 -10.62 -12.66
CA GLN A 196 -2.70 -10.24 -12.06
C GLN A 196 -2.52 -9.46 -10.76
N SER A 197 -1.33 -9.55 -10.17
CA SER A 197 -1.05 -8.88 -8.91
C SER A 197 -0.54 -7.47 -9.17
N LYS A 198 -0.79 -6.56 -8.22
CA LYS A 198 -0.43 -5.16 -8.44
C LYS A 198 0.10 -4.53 -7.18
N VAL A 199 1.12 -3.69 -7.35
CA VAL A 199 1.72 -2.88 -6.29
C VAL A 199 1.49 -1.38 -6.60
N SER A 200 1.20 -0.58 -5.55
CA SER A 200 0.89 0.83 -5.66
C SER A 200 1.51 1.57 -4.47
N VAL A 201 1.87 2.85 -4.64
CA VAL A 201 2.38 3.68 -3.55
C VAL A 201 1.38 4.82 -3.35
N ALA A 202 1.15 5.21 -2.09
CA ALA A 202 0.18 6.25 -1.74
C ALA A 202 0.56 7.63 -2.30
N GLU A 203 1.88 7.92 -2.40
CA GLU A 203 2.43 9.18 -2.89
C GLU A 203 3.55 8.86 -3.87
N ASP A 204 3.55 9.50 -5.05
CA ASP A 204 4.66 9.25 -5.98
C ASP A 204 5.83 10.27 -5.89
N HIS A 205 5.70 11.20 -4.95
CA HIS A 205 6.76 12.15 -4.59
C HIS A 205 6.83 12.12 -3.07
N VAL A 206 7.99 11.74 -2.53
CA VAL A 206 8.16 11.65 -1.07
C VAL A 206 9.38 12.46 -0.66
N LYS A 207 9.25 13.27 0.39
CA LYS A 207 10.36 14.08 0.90
C LYS A 207 11.38 13.18 1.60
N ALA A 208 12.69 13.47 1.39
CA ALA A 208 13.80 12.70 1.97
C ALA A 208 13.62 12.59 3.49
N GLY A 209 13.68 11.37 4.01
CA GLY A 209 13.49 11.08 5.43
C GLY A 209 12.05 10.73 5.78
N GLU A 210 11.10 11.00 4.87
CA GLU A 210 9.67 10.73 5.12
C GLU A 210 9.27 9.39 4.52
N SER A 211 8.07 8.95 4.83
CA SER A 211 7.61 7.66 4.39
C SER A 211 6.29 7.73 3.67
N THR A 212 5.95 6.64 2.97
CA THR A 212 4.65 6.46 2.29
C THR A 212 4.19 5.00 2.51
N THR A 213 2.93 4.71 2.15
CA THR A 213 2.36 3.38 2.25
C THR A 213 2.42 2.69 0.91
N VAL A 214 2.87 1.47 0.93
CA VAL A 214 2.94 0.60 -0.24
C VAL A 214 1.79 -0.39 -0.08
N THR A 215 0.97 -0.59 -1.12
CA THR A 215 -0.12 -1.57 -1.08
C THR A 215 0.14 -2.65 -2.16
N LEU A 216 0.05 -3.93 -1.77
CA LEU A 216 0.13 -5.05 -2.70
C LEU A 216 -1.26 -5.71 -2.76
N VAL A 217 -1.79 -5.97 -3.95
CA VAL A 217 -3.03 -6.74 -4.07
C VAL A 217 -2.52 -8.02 -4.78
N ALA A 218 -2.49 -9.11 -4.05
CA ALA A 218 -1.92 -10.36 -4.57
C ALA A 218 -3.04 -11.23 -5.10
N LYS A 219 -2.86 -11.73 -6.31
CA LYS A 219 -3.86 -12.58 -6.95
C LYS A 219 -3.25 -13.73 -7.74
N ASP A 220 -4.05 -14.79 -7.96
CA ASP A 220 -3.69 -15.91 -8.84
C ASP A 220 -4.11 -15.55 -10.30
N ALA A 221 -3.85 -16.44 -11.28
CA ALA A 221 -4.17 -16.20 -12.69
C ALA A 221 -5.66 -15.92 -12.99
N HIS A 222 -6.58 -16.44 -12.14
CA HIS A 222 -8.02 -16.25 -12.30
C HIS A 222 -8.53 -15.00 -11.60
N GLY A 223 -7.64 -14.31 -10.91
CA GLY A 223 -8.02 -13.13 -10.15
C GLY A 223 -8.48 -13.42 -8.74
N ASN A 224 -8.23 -14.64 -8.21
CA ASN A 224 -8.60 -14.90 -6.80
C ASN A 224 -7.57 -14.21 -5.90
N ALA A 225 -8.04 -13.56 -4.84
CA ALA A 225 -7.21 -12.92 -3.83
C ALA A 225 -6.44 -14.01 -3.06
N ILE A 226 -5.14 -13.78 -2.81
CA ILE A 226 -4.30 -14.75 -2.11
C ILE A 226 -4.00 -14.25 -0.69
N SER A 227 -4.47 -15.01 0.32
CA SER A 227 -4.31 -14.71 1.74
C SER A 227 -3.14 -15.44 2.39
N GLY A 228 -2.71 -14.92 3.54
CA GLY A 228 -1.68 -15.49 4.40
C GLY A 228 -0.27 -15.50 3.83
N LEU A 229 0.04 -14.65 2.84
CA LEU A 229 1.38 -14.61 2.27
C LEU A 229 2.43 -14.03 3.21
N SER A 230 3.67 -14.54 3.14
CA SER A 230 4.82 -14.01 3.86
C SER A 230 5.63 -13.26 2.80
N LEU A 231 5.76 -11.95 2.99
CA LEU A 231 6.40 -11.10 1.99
C LEU A 231 7.62 -10.36 2.46
N SER A 232 8.39 -9.91 1.48
CA SER A 232 9.55 -9.04 1.65
CA SER A 232 9.55 -9.04 1.66
C SER A 232 9.51 -8.02 0.52
N ALA A 233 10.59 -7.28 0.28
CA ALA A 233 10.61 -6.30 -0.80
C ALA A 233 12.00 -6.06 -1.29
N SER A 234 12.07 -5.63 -2.54
CA SER A 234 13.31 -5.25 -3.20
C SER A 234 13.17 -3.75 -3.56
N LEU A 235 14.20 -2.95 -3.23
CA LEU A 235 14.27 -1.52 -3.53
C LEU A 235 15.40 -1.29 -4.53
N THR A 236 15.12 -0.60 -5.62
CA THR A 236 16.14 -0.30 -6.65
C THR A 236 16.06 1.17 -7.05
N GLY A 237 17.09 1.63 -7.77
CA GLY A 237 17.16 3.01 -8.25
C GLY A 237 18.10 3.84 -7.41
N THR A 238 18.39 5.04 -7.90
CA THR A 238 19.28 6.04 -7.29
C THR A 238 18.99 6.22 -5.79
N ALA A 239 17.73 6.38 -5.46
CA ALA A 239 17.30 6.67 -4.10
C ALA A 239 17.08 5.46 -3.16
N SER A 240 17.32 4.22 -3.65
CA SER A 240 17.19 2.98 -2.86
C SER A 240 18.21 2.88 -1.72
N GLU A 241 19.40 3.50 -1.87
CA GLU A 241 20.47 3.50 -0.85
C GLU A 241 20.06 4.29 0.35
N GLY A 242 19.82 3.61 1.47
CA GLY A 242 19.37 4.25 2.69
C GLY A 242 17.85 4.17 2.88
N ALA A 243 17.13 3.65 1.88
CA ALA A 243 15.67 3.51 1.98
C ALA A 243 15.32 2.14 2.54
N THR A 244 14.16 2.01 3.23
CA THR A 244 13.78 0.73 3.83
C THR A 244 12.30 0.47 3.62
N VAL A 245 11.90 -0.78 3.81
CA VAL A 245 10.51 -1.21 3.82
C VAL A 245 10.32 -1.93 5.17
N SER A 246 9.16 -1.71 5.80
CA SER A 246 8.76 -2.34 7.08
C SER A 246 8.20 -3.74 6.85
N SER A 247 7.73 -4.38 7.95
CA SER A 247 7.01 -5.64 7.90
C SER A 247 5.67 -5.37 7.14
N TRP A 248 5.04 -6.41 6.59
CA TRP A 248 3.77 -6.27 5.89
C TRP A 248 2.59 -6.58 6.81
N THR A 249 1.48 -5.88 6.61
CA THR A 249 0.23 -6.11 7.35
C THR A 249 -0.82 -6.55 6.36
N GLU A 250 -1.38 -7.74 6.58
CA GLU A 250 -2.47 -8.26 5.76
C GLU A 250 -3.75 -7.56 6.16
N LYS A 251 -4.49 -7.03 5.17
CA LYS A 251 -5.71 -6.25 5.41
C LYS A 251 -6.96 -6.99 4.91
N GLY A 252 -6.82 -8.26 4.58
CA GLY A 252 -7.95 -9.05 4.09
C GLY A 252 -8.13 -8.96 2.60
N ASP A 253 -8.73 -10.02 2.02
CA ASP A 253 -8.99 -10.13 0.58
C ASP A 253 -7.72 -9.92 -0.29
N GLY A 254 -6.62 -10.53 0.17
CA GLY A 254 -5.33 -10.49 -0.52
C GLY A 254 -4.67 -9.15 -0.65
N SER A 255 -5.01 -8.21 0.25
CA SER A 255 -4.44 -6.87 0.28
C SER A 255 -3.39 -6.85 1.40
N TYR A 256 -2.21 -6.29 1.13
CA TYR A 256 -1.13 -6.22 2.15
C TYR A 256 -0.56 -4.82 2.10
N VAL A 257 -0.21 -4.26 3.26
CA VAL A 257 0.38 -2.91 3.25
C VAL A 257 1.71 -2.87 4.00
N ALA A 258 2.60 -1.94 3.62
CA ALA A 258 3.87 -1.77 4.33
C ALA A 258 4.25 -0.31 4.26
N THR A 259 5.14 0.10 5.16
CA THR A 259 5.70 1.45 5.18
C THR A 259 7.05 1.48 4.48
N LEU A 260 7.17 2.36 3.50
CA LEU A 260 8.42 2.56 2.77
C LEU A 260 8.98 3.86 3.34
N THR A 261 10.18 3.82 3.94
CA THR A 261 10.81 5.02 4.48
C THR A 261 11.98 5.39 3.56
N THR A 262 12.02 6.63 3.10
CA THR A 262 13.15 7.08 2.24
C THR A 262 14.29 7.53 3.17
N GLY A 263 15.50 7.59 2.62
CA GLY A 263 16.66 8.11 3.35
C GLY A 263 16.99 9.51 2.84
N GLY A 264 18.25 9.92 2.98
CA GLY A 264 18.73 11.25 2.57
C GLY A 264 19.07 11.44 1.10
N LYS A 265 18.98 10.35 0.32
CA LYS A 265 19.33 10.35 -1.10
C LYS A 265 18.08 10.63 -1.93
N THR A 266 18.12 11.69 -2.77
CA THR A 266 16.98 12.04 -3.63
C THR A 266 17.11 11.28 -4.97
N GLY A 267 16.04 11.27 -5.75
CA GLY A 267 16.04 10.61 -7.05
C GLY A 267 14.98 9.52 -7.16
N GLU A 268 15.08 8.72 -8.24
CA GLU A 268 14.15 7.63 -8.48
C GLU A 268 14.32 6.46 -7.53
N LEU A 269 13.21 5.86 -7.17
CA LEU A 269 13.11 4.69 -6.30
C LEU A 269 11.99 3.77 -6.83
N ARG A 270 12.27 2.47 -6.91
CA ARG A 270 11.30 1.47 -7.34
CA ARG A 270 11.30 1.47 -7.34
C ARG A 270 11.17 0.42 -6.25
N VAL A 271 9.92 -0.01 -5.97
CA VAL A 271 9.63 -1.00 -4.95
C VAL A 271 8.93 -2.19 -5.57
N MET A 272 9.53 -3.35 -5.38
CA MET A 272 8.97 -4.61 -5.85
C MET A 272 8.70 -5.52 -4.64
N PRO A 273 7.43 -5.77 -4.24
CA PRO A 273 7.20 -6.74 -3.17
C PRO A 273 7.63 -8.11 -3.69
N LEU A 274 8.14 -8.93 -2.77
CA LEU A 274 8.66 -10.25 -3.11
C LEU A 274 7.92 -11.34 -2.36
N PHE A 275 7.62 -12.43 -3.09
CA PHE A 275 7.03 -13.62 -2.51
C PHE A 275 7.99 -14.76 -2.85
N ASN A 276 8.54 -15.43 -1.81
CA ASN A 276 9.55 -16.50 -1.92
C ASN A 276 10.75 -16.06 -2.76
N GLY A 277 11.18 -14.82 -2.52
CA GLY A 277 12.30 -14.18 -3.21
C GLY A 277 12.05 -13.78 -4.65
N GLN A 278 10.84 -14.04 -5.19
CA GLN A 278 10.48 -13.69 -6.58
C GLN A 278 9.54 -12.46 -6.65
N PRO A 279 9.58 -11.64 -7.75
CA PRO A 279 8.64 -10.51 -7.88
C PRO A 279 7.20 -10.94 -7.68
N ALA A 280 6.49 -10.17 -6.86
CA ALA A 280 5.08 -10.50 -6.57
C ALA A 280 4.13 -9.64 -7.39
N ALA A 281 4.65 -8.73 -8.22
CA ALA A 281 3.81 -7.86 -9.04
C ALA A 281 4.36 -7.70 -10.45
N THR A 282 3.49 -7.26 -11.38
CA THR A 282 3.83 -7.06 -12.80
C THR A 282 4.99 -6.10 -12.97
N GLU A 283 4.89 -4.94 -12.32
CA GLU A 283 5.92 -3.93 -12.42
C GLU A 283 6.09 -3.26 -11.08
N ALA A 284 7.29 -2.82 -10.77
CA ALA A 284 7.60 -2.16 -9.50
C ALA A 284 6.84 -0.84 -9.41
N ALA A 285 6.39 -0.46 -8.21
CA ALA A 285 5.77 0.85 -8.04
C ALA A 285 6.92 1.89 -8.05
N GLN A 286 6.73 3.01 -8.76
CA GLN A 286 7.80 3.99 -8.84
C GLN A 286 7.45 5.32 -8.15
N LEU A 287 8.46 5.85 -7.44
CA LEU A 287 8.33 7.15 -6.83
C LEU A 287 9.60 7.94 -6.98
N THR A 288 9.49 9.25 -6.79
CA THR A 288 10.61 10.16 -6.81
C THR A 288 10.82 10.63 -5.37
N VAL A 289 12.04 10.48 -4.88
CA VAL A 289 12.41 11.04 -3.59
C VAL A 289 12.88 12.48 -3.89
N ILE A 290 12.19 13.46 -3.33
CA ILE A 290 12.50 14.88 -3.46
C ILE A 290 13.19 15.34 -2.18
N ALA A 291 13.68 16.61 -2.13
CA ALA A 291 14.35 17.08 -0.90
C ALA A 291 13.46 16.98 0.34
N GLY A 292 14.09 16.78 1.48
CA GLY A 292 13.36 16.72 2.75
C GLY A 292 12.81 18.07 3.16
N GLU A 293 12.15 18.11 4.33
CA GLU A 293 11.62 19.34 4.94
C GLU A 293 12.81 20.33 5.01
N MET A 294 12.57 21.61 4.73
CA MET A 294 13.68 22.56 4.80
C MET A 294 14.33 22.64 6.19
N SER A 295 15.64 22.83 6.19
CA SER A 295 16.42 22.96 7.39
C SER A 295 16.88 24.42 7.45
N SER A 296 16.44 25.13 8.48
CA SER A 296 16.84 26.54 8.63
C SER A 296 18.35 26.63 8.90
N ALA A 297 18.93 25.64 9.61
CA ALA A 297 20.37 25.58 9.88
C ALA A 297 21.25 25.46 8.61
N ASN A 298 20.74 24.79 7.57
CA ASN A 298 21.49 24.57 6.32
C ASN A 298 21.13 25.58 5.24
N SER A 299 20.20 26.46 5.54
CA SER A 299 19.72 27.44 4.57
C SER A 299 20.36 28.80 4.82
N THR A 300 20.50 29.65 3.78
CA THR A 300 21.15 30.97 3.91
C THR A 300 20.40 32.07 3.18
N LEU A 301 20.50 33.31 3.68
CA LEU A 301 19.94 34.49 3.06
C LEU A 301 21.01 35.57 3.05
N VAL A 302 21.32 36.10 1.88
CA VAL A 302 22.30 37.20 1.70
C VAL A 302 21.63 38.32 0.86
N ALA A 303 22.19 39.55 0.90
CA ALA A 303 21.74 40.68 0.10
C ALA A 303 22.95 41.13 -0.71
N ASP A 304 22.76 41.85 -1.83
CA ASP A 304 23.89 42.35 -2.64
C ASP A 304 24.52 43.64 -2.02
N ASN A 305 23.85 44.24 -1.03
CA ASN A 305 24.32 45.45 -0.33
C ASN A 305 23.88 45.35 1.13
N LYS A 306 24.84 45.36 2.07
CA LYS A 306 24.54 45.31 3.50
C LYS A 306 24.16 46.68 4.09
N THR A 307 24.44 47.78 3.35
CA THR A 307 24.12 49.15 3.80
C THR A 307 23.31 49.91 2.72
N PRO A 308 22.09 49.44 2.36
CA PRO A 308 21.33 50.14 1.31
C PRO A 308 20.72 51.41 1.85
N THR A 309 20.46 52.35 0.97
CA THR A 309 19.86 53.63 1.36
C THR A 309 18.35 53.42 1.43
N VAL A 310 17.68 54.20 2.30
CA VAL A 310 16.21 54.23 2.42
C VAL A 310 15.58 54.36 1.03
N LYS A 311 14.49 53.64 0.81
CA LYS A 311 13.71 53.65 -0.43
C LYS A 311 14.43 53.19 -1.72
N THR A 312 15.62 52.56 -1.59
CA THR A 312 16.30 52.02 -2.76
C THR A 312 16.06 50.49 -2.72
N THR A 313 16.72 49.72 -3.58
CA THR A 313 16.52 48.28 -3.62
C THR A 313 17.82 47.53 -3.41
N THR A 314 17.68 46.27 -2.99
CA THR A 314 18.77 45.32 -2.87
C THR A 314 18.22 43.96 -3.25
N GLU A 315 19.02 43.17 -3.96
CA GLU A 315 18.66 41.82 -4.37
C GLU A 315 18.91 40.86 -3.20
N LEU A 316 17.95 39.99 -2.89
CA LEU A 316 18.06 38.98 -1.84
C LEU A 316 18.30 37.66 -2.53
N THR A 317 19.24 36.85 -2.01
CA THR A 317 19.52 35.50 -2.53
C THR A 317 19.31 34.52 -1.39
N PHE A 318 18.28 33.67 -1.56
CA PHE A 318 17.88 32.69 -0.56
C PHE A 318 18.20 31.29 -1.05
N THR A 319 19.11 30.57 -0.32
CA THR A 319 19.53 29.21 -0.68
C THR A 319 18.88 28.28 0.30
N MET A 320 18.05 27.39 -0.20
CA MET A 320 17.31 26.51 0.67
C MET A 320 17.77 25.05 0.57
N LYS A 321 18.13 24.47 1.71
CA LYS A 321 18.53 23.07 1.77
C LYS A 321 17.75 22.29 2.85
N ASP A 322 17.72 20.96 2.73
CA ASP A 322 17.11 20.05 3.71
C ASP A 322 18.18 19.64 4.75
N ALA A 323 17.84 18.74 5.69
CA ALA A 323 18.75 18.29 6.76
C ALA A 323 19.97 17.52 6.27
N TYR A 324 19.94 17.07 5.01
CA TYR A 324 21.00 16.30 4.36
C TYR A 324 21.86 17.14 3.42
N GLY A 325 21.50 18.40 3.22
CA GLY A 325 22.19 19.30 2.30
C GLY A 325 21.60 19.29 0.90
N ASN A 326 20.45 18.56 0.68
CA ASN A 326 19.84 18.55 -0.65
C ASN A 326 19.21 19.92 -0.94
N PRO A 327 19.39 20.46 -2.16
CA PRO A 327 18.70 21.73 -2.50
C PRO A 327 17.18 21.55 -2.52
N VAL A 328 16.45 22.47 -1.88
CA VAL A 328 14.99 22.41 -1.85
C VAL A 328 14.44 23.20 -3.05
N THR A 329 14.04 22.46 -4.09
CA THR A 329 13.58 23.02 -5.36
C THR A 329 12.04 23.02 -5.50
N GLY A 330 11.52 23.93 -6.32
CA GLY A 330 10.10 24.06 -6.65
C GLY A 330 9.22 24.48 -5.49
N LEU A 331 9.80 25.16 -4.50
CA LEU A 331 9.06 25.58 -3.32
C LEU A 331 9.24 27.07 -3.06
N LYS A 332 8.25 27.83 -3.51
CA LYS A 332 8.23 29.29 -3.36
C LYS A 332 8.08 29.80 -1.91
N PRO A 333 9.08 30.58 -1.46
CA PRO A 333 9.01 31.17 -0.11
C PRO A 333 7.88 32.19 0.03
N ASP A 334 7.50 32.49 1.28
CA ASP A 334 6.47 33.48 1.60
C ASP A 334 7.16 34.86 1.66
N ALA A 335 6.39 35.91 1.98
CA ALA A 335 6.93 37.25 2.19
C ALA A 335 7.83 37.17 3.45
N PRO A 336 9.02 37.80 3.46
CA PRO A 336 9.83 37.79 4.69
C PRO A 336 9.17 38.63 5.79
N VAL A 337 9.62 38.44 7.03
CA VAL A 337 9.15 39.19 8.21
C VAL A 337 10.26 40.23 8.54
N PHE A 338 9.87 41.48 8.76
CA PHE A 338 10.79 42.59 9.06
C PHE A 338 10.63 43.12 10.47
N SER A 339 11.75 43.39 11.15
CA SER A 339 11.77 44.01 12.49
C SER A 339 12.97 44.95 12.60
N GLY A 340 13.02 45.73 13.68
CA GLY A 340 14.09 46.69 13.90
C GLY A 340 13.68 48.07 13.45
N ALA A 341 14.50 49.11 13.76
CA ALA A 341 14.22 50.53 13.45
C ALA A 341 13.80 50.77 11.98
N ALA A 342 14.50 50.15 11.02
CA ALA A 342 14.20 50.34 9.60
C ALA A 342 12.89 49.71 9.11
N SER A 343 12.16 48.95 9.99
CA SER A 343 10.85 48.39 9.66
C SER A 343 9.69 49.30 10.11
N THR A 344 10.00 50.42 10.81
CA THR A 344 9.02 51.28 11.48
C THR A 344 8.55 52.55 10.76
N GLY A 345 9.03 52.83 9.57
CA GLY A 345 8.65 54.06 8.89
C GLY A 345 7.24 54.06 8.32
N SER A 346 6.81 55.21 7.80
CA SER A 346 5.49 55.37 7.14
C SER A 346 5.41 54.38 5.97
N GLU A 347 6.57 54.12 5.31
CA GLU A 347 6.74 53.11 4.26
C GLU A 347 7.59 51.99 4.82
N ARG A 348 7.02 50.80 4.91
CA ARG A 348 7.63 49.60 5.42
C ARG A 348 8.46 48.94 4.30
N PRO A 349 9.57 48.20 4.59
CA PRO A 349 10.28 47.50 3.50
C PRO A 349 9.37 46.43 2.89
N SER A 350 9.59 46.08 1.62
CA SER A 350 8.74 45.10 0.94
C SER A 350 9.60 44.25 0.01
N ALA A 351 9.40 42.93 -0.01
CA ALA A 351 10.12 42.08 -0.96
C ALA A 351 9.16 41.70 -2.08
N GLY A 352 9.65 41.70 -3.31
CA GLY A 352 8.83 41.32 -4.46
C GLY A 352 8.74 39.80 -4.57
N ASN A 353 8.16 39.30 -5.68
CA ASN A 353 8.06 37.85 -5.94
C ASN A 353 9.40 37.14 -5.95
N TRP A 354 9.42 35.90 -5.45
CA TRP A 354 10.62 35.08 -5.48
C TRP A 354 10.68 34.35 -6.83
N THR A 355 11.86 34.33 -7.46
CA THR A 355 12.08 33.55 -8.68
C THR A 355 13.16 32.51 -8.39
N GLU A 356 12.91 31.24 -8.71
CA GLU A 356 13.95 30.22 -8.49
C GLU A 356 14.86 30.26 -9.72
N LYS A 357 16.08 30.78 -9.54
CA LYS A 357 17.06 31.01 -10.61
C LYS A 357 18.19 29.97 -10.65
N GLY A 358 18.33 29.25 -9.55
CA GLY A 358 19.28 28.15 -9.43
C GLY A 358 18.60 27.02 -8.67
N ASN A 359 19.21 25.84 -8.66
CA ASN A 359 18.68 24.67 -7.95
C ASN A 359 18.63 24.95 -6.41
N GLY A 360 17.43 25.21 -5.92
CA GLY A 360 17.20 25.62 -4.53
C GLY A 360 17.63 27.04 -4.22
N VAL A 361 17.80 27.89 -5.25
CA VAL A 361 18.25 29.28 -5.06
C VAL A 361 17.14 30.22 -5.50
N TYR A 362 16.61 31.02 -4.56
CA TYR A 362 15.49 31.92 -4.83
C TYR A 362 15.94 33.37 -4.72
N VAL A 363 15.56 34.19 -5.70
CA VAL A 363 15.97 35.60 -5.73
C VAL A 363 14.73 36.50 -5.63
N SER A 364 14.82 37.58 -4.84
CA SER A 364 13.76 38.58 -4.68
C SER A 364 14.38 39.97 -4.58
N THR A 365 13.64 40.98 -5.01
CA THR A 365 14.09 42.36 -4.92
C THR A 365 13.47 42.93 -3.66
N LEU A 366 14.31 43.43 -2.77
CA LEU A 366 13.84 44.06 -1.55
C LEU A 366 13.84 45.55 -1.78
N THR A 367 12.69 46.20 -1.58
CA THR A 367 12.60 47.66 -1.63
C THR A 367 12.66 48.11 -0.17
N LEU A 368 13.63 48.96 0.13
CA LEU A 368 13.77 49.43 1.49
C LEU A 368 12.66 50.41 1.85
N GLY A 369 12.38 50.54 3.13
CA GLY A 369 11.34 51.43 3.63
C GLY A 369 11.82 52.86 3.79
N SER A 370 11.01 53.70 4.43
CA SER A 370 11.37 55.12 4.63
C SER A 370 12.27 55.37 5.85
N ALA A 371 12.28 54.43 6.81
CA ALA A 371 13.08 54.58 8.03
C ALA A 371 14.48 53.98 7.92
N ALA A 372 15.45 54.72 8.45
CA ALA A 372 16.87 54.30 8.49
C ALA A 372 17.12 53.44 9.74
N GLY A 373 18.28 52.84 9.82
CA GLY A 373 18.64 52.04 10.97
C GLY A 373 18.72 50.57 10.67
N GLN A 374 18.83 49.78 11.73
CA GLN A 374 18.96 48.36 11.59
C GLN A 374 17.67 47.69 11.10
N LEU A 375 17.80 46.76 10.12
CA LEU A 375 16.68 46.00 9.60
C LEU A 375 17.00 44.52 9.70
N SER A 376 16.14 43.76 10.41
CA SER A 376 16.26 42.32 10.55
CA SER A 376 16.26 42.31 10.52
C SER A 376 15.29 41.69 9.54
N VAL A 377 15.80 40.84 8.64
CA VAL A 377 14.99 40.22 7.59
C VAL A 377 14.90 38.70 7.83
N MET A 378 13.70 38.20 8.11
CA MET A 378 13.52 36.78 8.36
C MET A 378 12.73 36.12 7.24
N PRO A 379 13.41 35.32 6.39
CA PRO A 379 12.69 34.63 5.31
C PRO A 379 11.74 33.60 5.91
N ARG A 380 10.65 33.34 5.20
CA ARG A 380 9.61 32.41 5.62
C ARG A 380 9.31 31.43 4.50
N VAL A 381 9.14 30.16 4.89
CA VAL A 381 8.80 29.07 3.94
C VAL A 381 7.75 28.22 4.67
N ASN A 382 6.55 28.08 4.07
CA ASN A 382 5.43 27.31 4.66
C ASN A 382 5.13 27.74 6.11
N GLY A 383 5.09 29.06 6.32
CA GLY A 383 4.85 29.68 7.61
C GLY A 383 5.95 29.53 8.66
N GLN A 384 7.13 29.03 8.30
CA GLN A 384 8.20 28.83 9.27
C GLN A 384 9.44 29.69 8.96
N ASN A 385 10.22 30.07 10.01
CA ASN A 385 11.49 30.78 9.83
C ASN A 385 12.39 29.88 8.98
N ALA A 386 12.94 30.45 7.91
CA ALA A 386 13.70 29.68 6.93
C ALA A 386 15.23 29.73 7.09
N VAL A 387 15.74 30.57 8.01
CA VAL A 387 17.18 30.62 8.31
C VAL A 387 17.35 30.59 9.83
N ALA A 388 18.55 30.21 10.32
CA ALA A 388 18.80 30.16 11.77
C ALA A 388 18.74 31.58 12.41
N GLN A 389 19.39 32.54 11.75
CA GLN A 389 19.46 33.93 12.23
C GLN A 389 19.07 34.87 11.10
N PRO A 390 18.39 36.00 11.38
CA PRO A 390 17.94 36.86 10.28
C PRO A 390 19.06 37.57 9.58
N LEU A 391 18.81 37.97 8.33
CA LEU A 391 19.76 38.78 7.60
C LEU A 391 19.65 40.16 8.28
N VAL A 392 20.79 40.75 8.62
CA VAL A 392 20.79 42.05 9.28
C VAL A 392 21.35 43.10 8.33
N LEU A 393 20.57 44.12 8.04
CA LEU A 393 21.02 45.22 7.20
C LEU A 393 21.07 46.52 8.02
N ASN A 394 21.94 47.46 7.62
CA ASN A 394 21.99 48.78 8.27
C ASN A 394 21.56 49.78 7.22
N VAL A 395 20.29 50.20 7.27
CA VAL A 395 19.72 51.08 6.24
C VAL A 395 20.21 52.52 6.46
N ALA A 396 20.84 53.11 5.42
CA ALA A 396 21.39 54.46 5.42
C ALA A 396 20.30 55.51 5.15
N GLY A 397 20.32 56.61 5.88
CA GLY A 397 19.35 57.70 5.78
C GLY A 397 19.44 58.53 4.52
#